data_8IHK
#
_entry.id   8IHK
#
_cell.length_a   1.00
_cell.length_b   1.00
_cell.length_c   1.00
_cell.angle_alpha   90.00
_cell.angle_beta   90.00
_cell.angle_gamma   90.00
#
_symmetry.space_group_name_H-M   'P 1'
#
loop_
_entity.id
_entity.type
_entity.pdbx_description
1 polymer 'Soluble cytochrome b562,Hydroxycarboxylic acid receptor 3'
2 non-polymer '(5~{S})-5-methyl-4-oxidanylidene-5-phenyl-furan-2-carboxylic acid'
#
_entity_poly.entity_id   1
_entity_poly.type   'polypeptide(L)'
_entity_poly.pdbx_seq_one_letter_code
;MKTIIALSYIFCLVFADYKDDDDKADLEDNWETLNDNLKVIEKADNAAQVKDALTKMRAAALDAQKATPPKLEDKSPDSP
EMKDFRHGFDILVGQIDDALKLANEGKVKEAQAAAEQLKTTRNAYIQKYLNRHHLQDHFLEIDKKNCCVFRDDFIAKVLP
PVLGLEFIFGLLGNGLALWIFCFHLKSWKSSRIFLFNLAVADFLLIICLPFVMDYYVRRSDWKFGDIPCRLVLFMFAMNR
QGSIIFLTVVAVDRYFRVVHPHHALNKISNWTAAIISCLLWGITVGLTVHLLKKKLLIQNGTANVCISFSICHTFRWHEA
MFLLEFFLPLGIILFCSARIIWSLRQRQMDRHAKIKRAITFIMVVAIVFVICFLPSVVVRIHIFWLLHTSGTQNCEVYRS
VDLAFFITLSFTYMNSMLDPVVYYFSSPSFPNFFSTLINRCLQRKITGEPDNNRSTSVELTGDPNKTRGAPEALIANSGE
PWSPSYLGPTSNNHSKKGHCHQEPASLEKQLGCCIEENLYFQGSHHHHHH
;
_entity_poly.pdbx_strand_id   R
#
loop_
_chem_comp.id
_chem_comp.type
_chem_comp.name
_chem_comp.formula
P9X non-polymer '(5~{S})-5-methyl-4-oxidanylidene-5-phenyl-furan-2-carboxylic acid' 'C12 H10 O4'
#
# COMPACT_ATOMS: atom_id res chain seq x y z
N ASN A 146 -25.60 -7.34 -12.81
CA ASN A 146 -25.53 -6.21 -13.73
C ASN A 146 -24.97 -4.98 -13.03
N CYS A 147 -23.93 -5.19 -12.23
CA CYS A 147 -23.29 -4.08 -11.53
C CYS A 147 -22.51 -3.22 -12.53
N CYS A 148 -22.21 -1.99 -12.12
CA CYS A 148 -21.60 -1.00 -13.00
C CYS A 148 -20.17 -1.40 -13.32
N VAL A 149 -19.95 -1.92 -14.51
CA VAL A 149 -18.62 -2.25 -15.02
C VAL A 149 -18.50 -1.70 -16.43
N PHE A 150 -17.39 -1.01 -16.69
CA PHE A 150 -17.18 -0.44 -18.01
C PHE A 150 -15.70 -0.21 -18.25
N ARG A 151 -15.37 0.40 -19.38
CA ARG A 151 -13.99 0.71 -19.72
C ARG A 151 -13.96 1.91 -20.64
N ASP A 152 -12.81 2.57 -20.69
CA ASP A 152 -12.62 3.75 -21.51
C ASP A 152 -11.29 3.66 -22.24
N ASP A 153 -11.07 4.60 -23.16
CA ASP A 153 -9.83 4.65 -23.93
C ASP A 153 -8.80 5.60 -23.33
N PHE A 154 -9.24 6.60 -22.56
CA PHE A 154 -8.29 7.55 -21.97
C PHE A 154 -7.39 6.87 -20.94
N ILE A 155 -7.92 5.89 -20.21
CA ILE A 155 -7.12 5.14 -19.26
C ILE A 155 -6.06 4.33 -20.00
N ALA A 156 -6.41 3.79 -21.16
CA ALA A 156 -5.44 3.04 -21.97
C ALA A 156 -4.29 3.93 -22.43
N LYS A 157 -4.47 5.25 -22.42
CA LYS A 157 -3.40 6.18 -22.71
C LYS A 157 -2.72 6.71 -21.46
N VAL A 158 -3.11 6.21 -20.28
CA VAL A 158 -2.56 6.69 -19.02
C VAL A 158 -1.97 5.54 -18.23
N LEU A 159 -2.77 4.51 -17.98
CA LEU A 159 -2.31 3.39 -17.14
C LEU A 159 -1.16 2.62 -17.75
N PRO A 160 -1.21 2.15 -19.01
CA PRO A 160 -0.11 1.33 -19.53
C PRO A 160 1.24 2.03 -19.49
N PRO A 161 1.33 3.36 -19.77
CA PRO A 161 2.63 4.02 -19.60
C PRO A 161 3.00 4.25 -18.14
N VAL A 162 2.04 4.70 -17.33
CA VAL A 162 2.34 5.02 -15.94
C VAL A 162 2.67 3.75 -15.15
N LEU A 163 1.84 2.71 -15.30
CA LEU A 163 2.10 1.47 -14.57
C LEU A 163 3.40 0.82 -15.01
N GLY A 164 3.69 0.84 -16.31
CA GLY A 164 4.95 0.29 -16.78
C GLY A 164 6.15 1.07 -16.29
N LEU A 165 6.05 2.40 -16.26
CA LEU A 165 7.15 3.22 -15.76
C LEU A 165 7.42 2.94 -14.28
N GLU A 166 6.36 2.78 -13.48
CA GLU A 166 6.53 2.49 -12.07
C GLU A 166 7.19 1.14 -11.85
N PHE A 167 6.94 0.18 -12.74
CA PHE A 167 7.55 -1.14 -12.60
C PHE A 167 9.07 -1.07 -12.73
N ILE A 168 9.56 -0.25 -13.66
CA ILE A 168 11.00 -0.13 -13.88
C ILE A 168 11.67 0.41 -12.61
N PHE A 169 11.12 1.48 -12.05
CA PHE A 169 11.67 2.05 -10.82
C PHE A 169 11.47 1.13 -9.64
N GLY A 170 10.33 0.42 -9.58
CA GLY A 170 10.08 -0.46 -8.47
C GLY A 170 11.05 -1.63 -8.40
N LEU A 171 11.36 -2.24 -9.55
CA LEU A 171 12.27 -3.37 -9.55
C LEU A 171 13.70 -2.94 -9.25
N LEU A 172 14.15 -1.82 -9.83
CA LEU A 172 15.51 -1.37 -9.58
C LEU A 172 15.68 -0.83 -8.17
N GLY A 173 14.64 -0.22 -7.61
CA GLY A 173 14.71 0.32 -6.27
C GLY A 173 14.67 -0.74 -5.19
N ASN A 174 13.56 -1.47 -5.11
CA ASN A 174 13.41 -2.47 -4.05
C ASN A 174 14.29 -3.69 -4.30
N GLY A 175 14.59 -4.00 -5.57
CA GLY A 175 15.50 -5.11 -5.85
C GLY A 175 16.90 -4.85 -5.34
N LEU A 176 17.40 -3.62 -5.54
CA LEU A 176 18.71 -3.26 -5.01
C LEU A 176 18.70 -3.22 -3.49
N ALA A 177 17.59 -2.79 -2.90
CA ALA A 177 17.50 -2.73 -1.43
C ALA A 177 17.61 -4.12 -0.83
N LEU A 178 16.98 -5.12 -1.45
CA LEU A 178 17.09 -6.48 -0.94
C LEU A 178 18.51 -7.02 -1.07
N TRP A 179 19.26 -6.55 -2.07
CA TRP A 179 20.64 -6.98 -2.23
C TRP A 179 21.48 -6.56 -1.04
N ILE A 180 21.30 -5.33 -0.56
CA ILE A 180 22.08 -4.83 0.57
C ILE A 180 21.71 -5.56 1.85
N PHE A 181 20.41 -5.81 2.06
CA PHE A 181 19.97 -6.46 3.29
C PHE A 181 20.54 -7.88 3.40
N CYS A 182 20.53 -8.63 2.29
CA CYS A 182 20.92 -10.03 2.35
C CYS A 182 22.44 -10.21 2.44
N PHE A 183 23.21 -9.40 1.73
CA PHE A 183 24.64 -9.65 1.59
C PHE A 183 25.53 -8.51 2.04
N HIS A 184 24.97 -7.36 2.43
CA HIS A 184 25.79 -6.22 2.85
C HIS A 184 25.48 -5.73 4.25
N LEU A 185 24.41 -6.21 4.88
CA LEU A 185 24.10 -5.82 6.25
C LEU A 185 24.84 -6.76 7.20
N LYS A 186 25.86 -6.25 7.88
CA LYS A 186 26.69 -7.08 8.74
C LYS A 186 26.13 -7.25 10.13
N SER A 187 25.07 -6.53 10.49
CA SER A 187 24.44 -6.68 11.80
C SER A 187 22.95 -6.49 11.64
N TRP A 188 22.18 -7.55 11.91
CA TRP A 188 20.72 -7.54 11.77
C TRP A 188 20.12 -7.26 13.15
N LYS A 189 19.78 -5.99 13.39
CA LYS A 189 19.14 -5.60 14.63
C LYS A 189 17.63 -5.66 14.47
N SER A 190 16.91 -5.37 15.57
CA SER A 190 15.46 -5.46 15.54
C SER A 190 14.85 -4.44 14.59
N SER A 191 15.41 -3.24 14.53
CA SER A 191 14.85 -2.20 13.67
C SER A 191 14.97 -2.57 12.20
N ARG A 192 16.09 -3.15 11.80
CA ARG A 192 16.28 -3.51 10.39
C ARG A 192 15.44 -4.71 9.97
N ILE A 193 14.93 -5.48 10.92
CA ILE A 193 14.09 -6.62 10.58
C ILE A 193 12.74 -6.15 10.03
N PHE A 194 12.14 -5.15 10.70
CA PHE A 194 10.85 -4.63 10.24
C PHE A 194 10.98 -3.96 8.88
N LEU A 195 12.08 -3.23 8.65
CA LEU A 195 12.31 -2.61 7.35
C LEU A 195 12.48 -3.66 6.25
N PHE A 196 13.07 -4.80 6.58
CA PHE A 196 13.25 -5.86 5.59
C PHE A 196 11.92 -6.38 5.07
N ASN A 197 10.94 -6.56 5.98
CA ASN A 197 9.63 -7.01 5.56
C ASN A 197 8.92 -5.99 4.68
N LEU A 198 9.20 -4.70 4.91
CA LEU A 198 8.60 -3.66 4.07
C LEU A 198 9.05 -3.79 2.62
N ALA A 199 10.34 -4.08 2.41
CA ALA A 199 10.84 -4.27 1.05
C ALA A 199 10.30 -5.54 0.42
N VAL A 200 10.10 -6.59 1.22
CA VAL A 200 9.57 -7.84 0.69
C VAL A 200 8.14 -7.64 0.17
N ALA A 201 7.32 -6.92 0.94
CA ALA A 201 5.95 -6.68 0.52
C ALA A 201 5.89 -5.86 -0.77
N ASP A 202 6.73 -4.84 -0.88
CA ASP A 202 6.76 -4.03 -2.10
C ASP A 202 7.27 -4.85 -3.28
N PHE A 203 8.28 -5.70 -3.06
CA PHE A 203 8.80 -6.52 -4.14
C PHE A 203 7.77 -7.52 -4.62
N LEU A 204 6.99 -8.09 -3.70
CA LEU A 204 5.93 -9.01 -4.09
C LEU A 204 4.83 -8.33 -4.89
N LEU A 205 4.71 -7.01 -4.78
CA LEU A 205 3.73 -6.26 -5.56
C LEU A 205 4.32 -5.77 -6.88
N ILE A 206 5.61 -5.43 -6.89
CA ILE A 206 6.25 -4.97 -8.12
C ILE A 206 6.36 -6.11 -9.12
N ILE A 207 6.66 -7.33 -8.64
CA ILE A 207 6.78 -8.47 -9.53
C ILE A 207 5.45 -8.77 -10.23
N CYS A 208 4.33 -8.42 -9.60
CA CYS A 208 3.02 -8.64 -10.18
C CYS A 208 2.57 -7.50 -11.08
N LEU A 209 3.34 -6.41 -11.16
CA LEU A 209 2.98 -5.30 -12.03
C LEU A 209 2.90 -5.67 -13.50
N PRO A 210 3.81 -6.47 -14.08
CA PRO A 210 3.63 -6.86 -15.49
C PRO A 210 2.34 -7.59 -15.77
N PHE A 211 1.84 -8.39 -14.82
CA PHE A 211 0.61 -9.14 -15.05
C PHE A 211 -0.59 -8.22 -15.17
N VAL A 212 -0.73 -7.27 -14.25
CA VAL A 212 -1.84 -6.33 -14.34
C VAL A 212 -1.66 -5.39 -15.52
N MET A 213 -0.40 -5.11 -15.90
CA MET A 213 -0.16 -4.26 -17.07
C MET A 213 -0.73 -4.89 -18.33
N ASP A 214 -0.58 -6.22 -18.47
CA ASP A 214 -1.14 -6.91 -19.62
C ASP A 214 -2.67 -6.86 -19.66
N TYR A 215 -3.30 -6.62 -18.51
CA TYR A 215 -4.76 -6.56 -18.46
C TYR A 215 -5.28 -5.37 -19.27
N TYR A 216 -4.62 -4.22 -19.16
CA TYR A 216 -5.09 -3.04 -19.88
C TYR A 216 -4.80 -3.12 -21.36
N VAL A 217 -3.64 -3.67 -21.73
CA VAL A 217 -3.22 -3.67 -23.14
C VAL A 217 -4.14 -4.52 -24.00
N ARG A 218 -4.91 -5.43 -23.39
CA ARG A 218 -5.90 -6.23 -24.11
C ARG A 218 -7.27 -5.55 -24.12
N ARG A 219 -7.31 -4.22 -24.02
CA ARG A 219 -8.56 -3.47 -23.94
C ARG A 219 -9.42 -3.94 -22.76
N SER A 220 -8.77 -4.04 -21.60
CA SER A 220 -9.41 -4.49 -20.36
C SER A 220 -10.02 -5.89 -20.52
N ASP A 221 -9.14 -6.85 -20.81
CA ASP A 221 -9.56 -8.23 -21.03
C ASP A 221 -8.58 -9.15 -20.32
N TRP A 222 -9.09 -9.99 -19.41
CA TRP A 222 -8.29 -11.01 -18.75
C TRP A 222 -8.25 -12.24 -19.65
N LYS A 223 -7.34 -12.20 -20.62
CA LYS A 223 -7.29 -13.26 -21.64
C LYS A 223 -6.98 -14.62 -21.03
N PHE A 224 -6.03 -14.67 -20.09
CA PHE A 224 -5.62 -15.93 -19.49
C PHE A 224 -5.63 -15.79 -17.98
N GLY A 225 -5.75 -16.94 -17.30
CA GLY A 225 -5.75 -16.97 -15.85
C GLY A 225 -7.13 -16.76 -15.24
N ASP A 226 -8.08 -17.64 -15.60
CA ASP A 226 -9.42 -17.55 -15.03
C ASP A 226 -9.39 -17.77 -13.52
N ILE A 227 -8.70 -18.83 -13.08
CA ILE A 227 -8.52 -19.09 -11.65
C ILE A 227 -7.38 -18.22 -11.11
N PRO A 228 -6.25 -18.05 -11.80
CA PRO A 228 -5.24 -17.09 -11.33
C PRO A 228 -5.75 -15.67 -11.17
N CYS A 229 -6.93 -15.33 -11.70
CA CYS A 229 -7.49 -14.01 -11.47
C CYS A 229 -7.69 -13.75 -9.98
N ARG A 230 -8.21 -14.73 -9.24
CA ARG A 230 -8.27 -14.62 -7.80
C ARG A 230 -6.87 -14.60 -7.19
N LEU A 231 -5.96 -15.41 -7.74
CA LEU A 231 -4.59 -15.45 -7.21
C LEU A 231 -3.87 -14.13 -7.46
N VAL A 232 -4.00 -13.58 -8.66
CA VAL A 232 -3.31 -12.33 -8.97
C VAL A 232 -3.91 -11.15 -8.22
N LEU A 233 -5.14 -11.27 -7.74
CA LEU A 233 -5.76 -10.22 -6.94
C LEU A 233 -5.53 -10.42 -5.45
N PHE A 234 -5.45 -11.67 -5.00
CA PHE A 234 -5.08 -11.93 -3.61
C PHE A 234 -3.66 -11.46 -3.32
N MET A 235 -2.75 -11.66 -4.27
CA MET A 235 -1.37 -11.20 -4.13
C MET A 235 -1.24 -9.69 -4.18
N PHE A 236 -2.31 -8.97 -4.55
CA PHE A 236 -2.27 -7.53 -4.65
C PHE A 236 -2.77 -6.86 -3.37
N ALA A 237 -3.91 -7.31 -2.86
CA ALA A 237 -4.43 -6.76 -1.61
C ALA A 237 -3.55 -7.14 -0.42
N MET A 238 -2.99 -8.37 -0.43
CA MET A 238 -2.10 -8.78 0.64
C MET A 238 -0.85 -7.91 0.67
N ASN A 239 -0.28 -7.63 -0.50
CA ASN A 239 0.91 -6.77 -0.56
C ASN A 239 0.59 -5.35 -0.14
N ARG A 240 -0.56 -4.82 -0.57
CA ARG A 240 -0.95 -3.47 -0.20
C ARG A 240 -1.19 -3.36 1.31
N GLN A 241 -1.99 -4.28 1.87
CA GLN A 241 -2.26 -4.23 3.30
C GLN A 241 -1.02 -4.59 4.11
N GLY A 242 -0.22 -5.54 3.63
CA GLY A 242 1.01 -5.89 4.33
C GLY A 242 2.00 -4.75 4.38
N SER A 243 2.07 -3.96 3.31
CA SER A 243 2.94 -2.79 3.31
C SER A 243 2.49 -1.76 4.33
N ILE A 244 1.17 -1.54 4.45
CA ILE A 244 0.65 -0.59 5.42
C ILE A 244 0.95 -1.04 6.84
N ILE A 245 0.76 -2.34 7.12
CA ILE A 245 0.98 -2.86 8.46
C ILE A 245 2.44 -2.67 8.87
N PHE A 246 3.37 -2.96 7.97
CA PHE A 246 4.79 -2.77 8.26
C PHE A 246 5.23 -1.32 8.08
N LEU A 247 4.36 -0.46 7.57
CA LEU A 247 4.65 0.97 7.53
C LEU A 247 4.30 1.66 8.84
N THR A 248 3.23 1.22 9.51
CA THR A 248 2.88 1.74 10.82
C THR A 248 3.79 1.20 11.91
N VAL A 249 4.25 -0.05 11.78
CA VAL A 249 5.12 -0.64 12.79
C VAL A 249 6.43 0.14 12.89
N VAL A 250 7.01 0.51 11.74
CA VAL A 250 8.24 1.31 11.76
C VAL A 250 7.98 2.66 12.42
N ALA A 251 6.85 3.29 12.10
CA ALA A 251 6.50 4.56 12.74
C ALA A 251 6.28 4.37 14.24
N VAL A 252 5.64 3.27 14.63
CA VAL A 252 5.46 2.98 16.05
C VAL A 252 6.81 2.67 16.69
N ASP A 253 7.67 1.92 15.98
CA ASP A 253 8.99 1.60 16.52
C ASP A 253 9.82 2.85 16.73
N ARG A 254 9.77 3.79 15.78
CA ARG A 254 10.52 5.04 15.93
C ARG A 254 9.95 5.90 17.04
N TYR A 255 8.65 5.80 17.31
CA TYR A 255 8.05 6.56 18.40
C TYR A 255 8.60 6.12 19.74
N PHE A 256 8.78 4.81 19.93
CA PHE A 256 9.24 4.27 21.21
C PHE A 256 10.72 4.52 21.45
N ARG A 257 11.48 4.92 20.43
CA ARG A 257 12.90 5.16 20.59
C ARG A 257 13.24 6.62 20.89
N VAL A 258 12.26 7.52 20.83
CA VAL A 258 12.52 8.95 21.03
C VAL A 258 11.71 9.48 22.20
N VAL A 259 10.56 8.87 22.46
CA VAL A 259 9.66 9.36 23.51
C VAL A 259 9.82 8.50 24.76
N HIS A 260 10.22 7.25 24.59
CA HIS A 260 10.46 6.33 25.71
C HIS A 260 11.82 5.68 25.52
N PRO A 261 12.90 6.45 25.69
CA PRO A 261 14.24 5.90 25.40
C PRO A 261 14.61 4.71 26.27
N HIS A 262 14.09 4.64 27.49
CA HIS A 262 14.47 3.60 28.44
C HIS A 262 13.49 2.43 28.45
N HIS A 263 12.51 2.41 27.56
CA HIS A 263 11.55 1.31 27.52
C HIS A 263 12.23 0.01 27.09
N ALA A 264 11.75 -1.10 27.66
CA ALA A 264 12.31 -2.41 27.35
C ALA A 264 11.97 -2.88 25.94
N LEU A 265 11.02 -2.23 25.27
CA LEU A 265 10.68 -2.62 23.90
C LEU A 265 11.81 -2.30 22.92
N ASN A 266 12.65 -1.31 23.22
CA ASN A 266 13.72 -0.93 22.32
C ASN A 266 14.87 -1.92 22.30
N LYS A 267 14.89 -2.90 23.22
CA LYS A 267 16.00 -3.83 23.34
C LYS A 267 15.57 -5.27 23.08
N ILE A 268 14.53 -5.46 22.28
CA ILE A 268 14.09 -6.81 21.94
C ILE A 268 15.09 -7.46 21.00
N SER A 269 15.33 -8.75 21.20
CA SER A 269 16.29 -9.47 20.39
C SER A 269 15.74 -9.71 18.98
N ASN A 270 16.60 -10.23 18.11
CA ASN A 270 16.19 -10.49 16.74
C ASN A 270 15.10 -11.55 16.66
N TRP A 271 15.18 -12.60 17.44
CA TRP A 271 14.16 -13.57 17.32
C TRP A 271 12.86 -12.90 17.70
N THR A 272 12.73 -12.26 18.87
CA THR A 272 11.46 -11.67 19.25
C THR A 272 10.94 -10.72 18.18
N ALA A 273 11.85 -10.08 17.43
CA ALA A 273 11.45 -9.24 16.31
C ALA A 273 11.01 -10.03 15.10
N ALA A 274 11.30 -11.34 15.06
CA ALA A 274 10.83 -12.21 14.00
C ALA A 274 9.53 -12.92 14.33
N ILE A 275 9.31 -13.24 15.60
CA ILE A 275 8.02 -13.81 16.01
C ILE A 275 6.91 -12.79 15.82
N ILE A 276 7.15 -11.53 16.21
CA ILE A 276 6.17 -10.47 16.00
C ILE A 276 5.95 -10.24 14.51
N SER A 277 7.03 -10.23 13.73
CA SER A 277 6.90 -10.00 12.29
C SER A 277 6.12 -11.12 11.62
N CYS A 278 6.36 -12.37 12.03
CA CYS A 278 5.61 -13.49 11.46
C CYS A 278 4.13 -13.38 11.78
N LEU A 279 3.80 -12.99 13.01
CA LEU A 279 2.40 -12.82 13.39
C LEU A 279 1.74 -11.69 12.60
N LEU A 280 2.49 -10.64 12.28
CA LEU A 280 1.94 -9.55 11.49
C LEU A 280 1.57 -10.03 10.09
N TRP A 281 2.40 -10.89 9.49
CA TRP A 281 2.05 -11.48 8.21
C TRP A 281 0.83 -12.38 8.32
N GLY A 282 0.61 -12.98 9.49
CA GLY A 282 -0.57 -13.82 9.66
C GLY A 282 -1.87 -13.05 9.58
N ILE A 283 -1.92 -11.87 10.19
CA ILE A 283 -3.13 -11.07 10.16
C ILE A 283 -3.34 -10.41 8.79
N THR A 284 -2.28 -10.30 7.98
CA THR A 284 -2.43 -9.74 6.65
C THR A 284 -3.29 -10.63 5.78
N VAL A 285 -3.07 -11.95 5.81
CA VAL A 285 -3.89 -12.88 5.05
C VAL A 285 -5.23 -13.15 5.72
N GLY A 286 -5.40 -12.77 6.99
CA GLY A 286 -6.68 -12.95 7.64
C GLY A 286 -7.76 -12.09 7.03
N LEU A 287 -7.40 -10.88 6.59
CA LEU A 287 -8.34 -9.96 5.96
C LEU A 287 -8.22 -9.97 4.45
N THR A 288 -7.49 -10.92 3.88
CA THR A 288 -7.26 -10.98 2.44
C THR A 288 -7.59 -12.33 1.82
N VAL A 289 -7.51 -13.44 2.57
CA VAL A 289 -7.78 -14.75 2.01
C VAL A 289 -9.23 -14.94 1.58
N HIS A 290 -10.13 -14.05 2.01
CA HIS A 290 -11.52 -14.14 1.58
C HIS A 290 -11.70 -13.86 0.10
N LEU A 291 -10.67 -13.33 -0.58
CA LEU A 291 -10.75 -13.15 -2.03
C LEU A 291 -10.86 -14.49 -2.75
N LEU A 292 -10.19 -15.52 -2.21
CA LEU A 292 -10.21 -16.82 -2.86
C LEU A 292 -11.59 -17.47 -2.79
N LYS A 293 -12.30 -17.29 -1.68
CA LYS A 293 -13.61 -17.91 -1.52
C LYS A 293 -14.62 -17.37 -2.53
N LYS A 294 -14.64 -16.05 -2.72
CA LYS A 294 -15.61 -15.45 -3.62
C LYS A 294 -15.24 -15.73 -5.08
N LYS A 295 -16.28 -15.91 -5.89
CA LYS A 295 -16.09 -16.10 -7.33
C LYS A 295 -15.78 -14.77 -8.01
N LEU A 296 -15.02 -14.84 -9.10
CA LEU A 296 -14.59 -13.63 -9.78
C LEU A 296 -14.70 -13.78 -11.30
N LEU A 297 -14.12 -12.83 -12.03
CA LEU A 297 -14.12 -12.83 -13.50
C LEU A 297 -15.56 -12.80 -14.03
N ILE A 298 -16.22 -11.67 -13.75
CA ILE A 298 -17.54 -11.44 -14.30
C ILE A 298 -17.45 -11.31 -15.81
N GLN A 299 -18.32 -12.01 -16.52
CA GLN A 299 -18.29 -12.07 -17.98
C GLN A 299 -19.26 -11.05 -18.54
N ASN A 300 -18.73 -10.12 -19.36
CA ASN A 300 -19.56 -9.15 -20.05
C ASN A 300 -19.89 -9.65 -21.45
N GLY A 301 -20.55 -10.81 -21.49
CA GLY A 301 -20.86 -11.47 -22.74
C GLY A 301 -19.71 -12.31 -23.24
N THR A 302 -18.67 -11.66 -23.77
CA THR A 302 -17.46 -12.32 -24.23
C THR A 302 -16.20 -11.87 -23.52
N ALA A 303 -16.20 -10.68 -22.92
CA ALA A 303 -15.00 -10.16 -22.28
C ALA A 303 -14.86 -10.71 -20.86
N ASN A 304 -13.65 -10.60 -20.33
CA ASN A 304 -13.34 -11.03 -18.96
C ASN A 304 -12.67 -9.88 -18.23
N VAL A 305 -13.16 -9.58 -17.04
CA VAL A 305 -12.62 -8.51 -16.20
C VAL A 305 -12.36 -9.05 -14.81
N CYS A 306 -11.12 -8.89 -14.34
CA CYS A 306 -10.73 -9.32 -13.00
C CYS A 306 -10.71 -8.09 -12.09
N ILE A 307 -11.90 -7.70 -11.64
CA ILE A 307 -12.09 -6.50 -10.83
C ILE A 307 -12.93 -6.87 -9.61
N SER A 308 -12.49 -6.43 -8.44
CA SER A 308 -13.25 -6.60 -7.21
C SER A 308 -13.71 -5.28 -6.61
N PHE A 309 -13.33 -4.15 -7.20
CA PHE A 309 -13.73 -2.83 -6.73
C PHE A 309 -14.89 -2.27 -7.55
N SER A 310 -15.79 -3.13 -8.00
CA SER A 310 -16.92 -2.70 -8.81
C SER A 310 -17.84 -1.81 -7.99
N ILE A 311 -18.46 -0.84 -8.67
CA ILE A 311 -19.35 0.12 -8.02
C ILE A 311 -20.73 -0.53 -8.00
N CYS A 312 -20.98 -1.33 -6.97
CA CYS A 312 -22.26 -2.00 -6.79
C CYS A 312 -22.67 -1.87 -5.33
N HIS A 313 -23.94 -1.51 -5.10
CA HIS A 313 -24.41 -1.19 -3.75
C HIS A 313 -24.53 -2.46 -2.92
N THR A 314 -23.48 -2.76 -2.17
CA THR A 314 -23.48 -3.91 -1.27
C THR A 314 -22.49 -3.64 -0.14
N PHE A 315 -22.79 -4.18 1.04
CA PHE A 315 -21.91 -4.05 2.21
C PHE A 315 -20.80 -5.09 2.11
N ARG A 316 -19.88 -4.85 1.18
CA ARG A 316 -18.76 -5.75 0.97
C ARG A 316 -17.66 -5.50 1.99
N TRP A 317 -17.10 -6.59 2.51
CA TRP A 317 -16.00 -6.47 3.47
C TRP A 317 -14.76 -5.88 2.82
N HIS A 318 -14.52 -6.22 1.55
CA HIS A 318 -13.33 -5.69 0.85
C HIS A 318 -13.39 -4.18 0.73
N GLU A 319 -14.56 -3.64 0.38
CA GLU A 319 -14.69 -2.19 0.27
C GLU A 319 -14.56 -1.52 1.63
N ALA A 320 -15.17 -2.10 2.67
CA ALA A 320 -15.07 -1.52 4.01
C ALA A 320 -13.64 -1.59 4.53
N MET A 321 -12.95 -2.70 4.31
CA MET A 321 -11.56 -2.81 4.73
C MET A 321 -10.67 -1.84 3.97
N PHE A 322 -11.06 -1.44 2.76
CA PHE A 322 -10.31 -0.44 2.02
C PHE A 322 -10.29 0.91 2.73
N LEU A 323 -11.30 1.19 3.57
CA LEU A 323 -11.33 2.44 4.30
C LEU A 323 -10.68 2.34 5.67
N LEU A 324 -10.77 1.18 6.33
CA LEU A 324 -10.13 1.00 7.62
C LEU A 324 -8.62 0.85 7.50
N GLU A 325 -8.14 0.37 6.36
CA GLU A 325 -6.70 0.20 6.15
C GLU A 325 -5.96 1.53 6.06
N PHE A 326 -6.66 2.64 5.95
CA PHE A 326 -6.04 3.95 5.79
C PHE A 326 -6.37 4.91 6.92
N PHE A 327 -7.62 4.95 7.37
CA PHE A 327 -8.00 5.88 8.43
C PHE A 327 -7.35 5.52 9.75
N LEU A 328 -7.35 4.23 10.11
CA LEU A 328 -6.75 3.80 11.37
C LEU A 328 -5.25 4.06 11.43
N PRO A 329 -4.44 3.71 10.41
CA PRO A 329 -3.02 4.08 10.47
C PRO A 329 -2.78 5.58 10.52
N LEU A 330 -3.66 6.38 9.91
CA LEU A 330 -3.50 7.83 10.00
C LEU A 330 -3.67 8.33 11.43
N GLY A 331 -4.43 7.62 12.24
CA GLY A 331 -4.54 7.94 13.65
C GLY A 331 -3.40 7.44 14.51
N ILE A 332 -2.44 6.74 13.91
CA ILE A 332 -1.28 6.22 14.62
C ILE A 332 0.02 6.75 14.03
N ILE A 333 0.15 6.70 12.70
CA ILE A 333 1.36 7.20 12.06
C ILE A 333 1.51 8.70 12.26
N LEU A 334 0.43 9.46 12.07
CA LEU A 334 0.50 10.91 12.27
C LEU A 334 0.74 11.27 13.73
N PHE A 335 0.06 10.57 14.65
CA PHE A 335 0.24 10.87 16.07
C PHE A 335 1.66 10.55 16.53
N CYS A 336 2.19 9.41 16.10
CA CYS A 336 3.56 9.05 16.48
C CYS A 336 4.57 10.03 15.91
N SER A 337 4.40 10.43 14.64
CA SER A 337 5.33 11.37 14.03
C SER A 337 5.18 12.77 14.59
N ALA A 338 4.07 13.07 15.27
CA ALA A 338 3.92 14.38 15.89
C ALA A 338 4.77 14.50 17.14
N ARG A 339 4.81 13.45 17.95
CA ARG A 339 5.59 13.48 19.19
C ARG A 339 7.09 13.34 18.94
N ILE A 340 7.47 12.59 17.89
CA ILE A 340 8.89 12.49 17.54
C ILE A 340 9.44 13.86 17.14
N ILE A 341 8.68 14.59 16.32
CA ILE A 341 9.09 15.94 15.91
C ILE A 341 8.88 16.97 17.00
N TRP A 342 8.32 16.57 18.15
CA TRP A 342 8.14 17.45 19.29
C TRP A 342 9.08 17.13 20.45
N SER A 343 9.29 15.85 20.74
CA SER A 343 10.23 15.47 21.78
C SER A 343 11.66 15.87 21.41
N LEU A 344 12.02 15.70 20.13
CA LEU A 344 13.34 16.12 19.66
C LEU A 344 13.50 17.62 19.66
N ARG A 345 12.41 18.38 19.81
CA ARG A 345 12.47 19.84 19.89
C ARG A 345 12.35 20.36 21.31
N GLN A 346 11.56 19.69 22.16
CA GLN A 346 11.44 20.12 23.55
C GLN A 346 12.76 19.97 24.29
N ARG A 347 13.50 18.90 24.01
CA ARG A 347 14.77 18.63 24.66
C ARG A 347 15.93 19.39 24.04
N GLN A 348 15.66 20.30 23.11
CA GLN A 348 16.66 21.14 22.45
C GLN A 348 17.66 20.34 21.62
N MET A 349 17.37 19.06 21.36
CA MET A 349 18.28 18.25 20.56
C MET A 349 18.25 18.64 19.08
N ASP A 350 17.24 19.40 18.66
CA ASP A 350 17.10 19.73 17.24
C ASP A 350 18.27 20.59 16.76
N ARG A 351 18.59 21.64 17.49
CA ARG A 351 19.59 22.60 17.06
C ARG A 351 21.00 22.04 17.24
N HIS A 352 21.91 22.53 16.39
CA HIS A 352 23.34 22.23 16.49
C HIS A 352 23.61 20.72 16.46
N ALA A 353 22.96 20.03 15.52
CA ALA A 353 23.16 18.60 15.35
C ALA A 353 22.71 18.19 13.97
N LYS A 354 23.19 17.03 13.53
CA LYS A 354 22.74 16.43 12.28
C LYS A 354 21.29 15.94 12.36
N ILE A 355 20.76 15.78 13.58
CA ILE A 355 19.41 15.26 13.79
C ILE A 355 18.34 16.07 13.07
N LYS A 356 18.68 17.26 12.55
CA LYS A 356 17.72 18.01 11.74
C LYS A 356 17.32 17.22 10.51
N ARG A 357 18.26 16.50 9.90
CA ARG A 357 17.92 15.63 8.79
C ARG A 357 16.98 14.50 9.22
N ALA A 358 17.21 13.94 10.41
CA ALA A 358 16.34 12.89 10.91
C ALA A 358 14.92 13.40 11.13
N ILE A 359 14.77 14.60 11.68
CA ILE A 359 13.46 15.18 11.86
C ILE A 359 12.80 15.45 10.51
N THR A 360 13.60 15.86 9.51
CA THR A 360 13.06 16.15 8.19
C THR A 360 12.43 14.92 7.57
N PHE A 361 13.10 13.76 7.68
CA PHE A 361 12.60 12.55 7.04
C PHE A 361 11.47 11.88 7.82
N ILE A 362 11.23 12.28 9.07
CA ILE A 362 10.04 11.83 9.77
C ILE A 362 8.79 12.43 9.14
N MET A 363 8.88 13.70 8.71
CA MET A 363 7.77 14.34 8.03
C MET A 363 7.66 13.89 6.57
N VAL A 364 8.78 13.55 5.94
CA VAL A 364 8.75 13.07 4.55
C VAL A 364 7.96 11.78 4.45
N VAL A 365 8.12 10.89 5.43
CA VAL A 365 7.38 9.63 5.42
C VAL A 365 5.89 9.89 5.49
N ALA A 366 5.47 10.82 6.35
CA ALA A 366 4.04 11.15 6.44
C ALA A 366 3.53 11.77 5.14
N ILE A 367 4.34 12.62 4.51
CA ILE A 367 3.92 13.26 3.26
C ILE A 367 3.73 12.21 2.17
N VAL A 368 4.66 11.27 2.05
CA VAL A 368 4.54 10.23 1.03
C VAL A 368 3.31 9.37 1.28
N PHE A 369 3.07 8.99 2.54
CA PHE A 369 1.92 8.14 2.85
C PHE A 369 0.61 8.84 2.51
N VAL A 370 0.49 10.13 2.85
CA VAL A 370 -0.74 10.85 2.56
C VAL A 370 -0.94 11.01 1.06
N ILE A 371 0.13 11.36 0.34
CA ILE A 371 0.01 11.59 -1.10
C ILE A 371 -0.36 10.30 -1.82
N CYS A 372 0.20 9.18 -1.40
CA CYS A 372 0.00 7.92 -2.13
C CYS A 372 -1.36 7.29 -1.87
N PHE A 373 -1.94 7.46 -0.69
CA PHE A 373 -3.12 6.71 -0.30
C PHE A 373 -4.38 7.56 -0.13
N LEU A 374 -4.26 8.82 0.28
CA LEU A 374 -5.46 9.64 0.50
C LEU A 374 -6.30 9.83 -0.75
N PRO A 375 -5.74 10.19 -1.92
CA PRO A 375 -6.61 10.42 -3.09
C PRO A 375 -7.44 9.22 -3.49
N SER A 376 -6.93 8.01 -3.29
CA SER A 376 -7.72 6.81 -3.61
C SER A 376 -8.90 6.69 -2.65
N VAL A 377 -8.71 7.04 -1.38
CA VAL A 377 -9.78 6.88 -0.40
C VAL A 377 -10.90 7.89 -0.65
N VAL A 378 -10.54 9.16 -0.90
CA VAL A 378 -11.56 10.20 -1.03
C VAL A 378 -12.44 9.96 -2.24
N VAL A 379 -11.91 9.33 -3.29
CA VAL A 379 -12.75 8.99 -4.44
C VAL A 379 -13.54 7.71 -4.20
N ARG A 380 -13.10 6.86 -3.27
CA ARG A 380 -13.90 5.70 -2.89
C ARG A 380 -15.08 6.11 -2.03
N ILE A 381 -14.88 7.04 -1.10
CA ILE A 381 -15.97 7.54 -0.28
C ILE A 381 -16.98 8.30 -1.14
N HIS A 382 -16.49 8.99 -2.18
CA HIS A 382 -17.41 9.68 -3.10
C HIS A 382 -18.36 8.70 -3.76
N ILE A 383 -17.86 7.53 -4.17
CA ILE A 383 -18.73 6.51 -4.76
C ILE A 383 -19.78 6.06 -3.75
N PHE A 384 -19.39 5.92 -2.48
CA PHE A 384 -20.35 5.51 -1.46
C PHE A 384 -21.48 6.51 -1.31
N TRP A 385 -21.21 7.79 -1.58
CA TRP A 385 -22.26 8.81 -1.48
C TRP A 385 -23.36 8.54 -2.51
N LEU A 386 -22.98 8.35 -3.77
CA LEU A 386 -23.97 8.01 -4.79
C LEU A 386 -24.56 6.63 -4.55
N LEU A 387 -23.76 5.70 -4.02
CA LEU A 387 -24.27 4.36 -3.74
C LEU A 387 -25.37 4.41 -2.68
N HIS A 388 -25.16 5.19 -1.61
CA HIS A 388 -26.16 5.26 -0.55
C HIS A 388 -27.40 6.04 -0.99
N THR A 389 -27.19 7.20 -1.62
CA THR A 389 -28.29 8.06 -2.05
C THR A 389 -28.10 8.42 -3.52
N SER A 390 -29.21 8.42 -4.26
CA SER A 390 -29.24 8.80 -5.68
C SER A 390 -28.28 7.92 -6.49
N GLY A 391 -28.59 6.64 -6.54
CA GLY A 391 -27.77 5.71 -7.28
C GLY A 391 -28.40 4.34 -7.35
N THR A 392 -27.55 3.36 -7.69
CA THR A 392 -27.89 1.94 -7.71
C THR A 392 -28.80 1.63 -8.90
N GLN A 393 -29.24 2.68 -9.60
CA GLN A 393 -30.11 2.52 -10.76
C GLN A 393 -29.47 3.01 -12.05
N ASN A 394 -28.94 4.22 -12.06
CA ASN A 394 -28.32 4.78 -13.25
C ASN A 394 -26.80 4.58 -13.19
N CYS A 395 -26.25 4.03 -14.27
CA CYS A 395 -24.82 3.76 -14.34
C CYS A 395 -24.02 4.92 -14.92
N GLU A 396 -24.67 5.97 -15.42
CA GLU A 396 -23.95 7.09 -16.01
C GLU A 396 -23.25 7.92 -14.94
N VAL A 397 -23.91 8.12 -13.79
CA VAL A 397 -23.32 8.90 -12.71
C VAL A 397 -22.09 8.20 -12.16
N TYR A 398 -22.04 6.87 -12.27
CA TYR A 398 -20.89 6.12 -11.78
C TYR A 398 -19.72 6.13 -12.75
N ARG A 399 -19.92 6.58 -13.99
CA ARG A 399 -18.87 6.51 -15.00
C ARG A 399 -17.69 7.40 -14.63
N SER A 400 -17.95 8.61 -14.15
CA SER A 400 -16.87 9.54 -13.85
C SER A 400 -16.05 9.09 -12.65
N VAL A 401 -16.73 8.68 -11.58
CA VAL A 401 -16.02 8.32 -10.35
C VAL A 401 -15.25 7.02 -10.53
N ASP A 402 -15.86 6.02 -11.19
CA ASP A 402 -15.21 4.73 -11.34
C ASP A 402 -13.93 4.85 -12.17
N LEU A 403 -13.98 5.64 -13.25
CA LEU A 403 -12.78 5.87 -14.05
C LEU A 403 -11.71 6.58 -13.22
N ALA A 404 -12.11 7.58 -12.44
CA ALA A 404 -11.16 8.27 -11.57
C ALA A 404 -10.62 7.33 -10.49
N PHE A 405 -11.48 6.51 -9.88
CA PHE A 405 -11.02 5.56 -8.88
C PHE A 405 -10.01 4.59 -9.46
N PHE A 406 -10.29 4.06 -10.65
CA PHE A 406 -9.43 3.05 -11.24
C PHE A 406 -8.07 3.65 -11.56
N ILE A 407 -8.05 4.89 -12.04
CA ILE A 407 -6.80 5.59 -12.28
C ILE A 407 -6.13 5.96 -10.97
N THR A 408 -6.90 6.45 -10.00
CA THR A 408 -6.32 6.87 -8.73
C THR A 408 -5.72 5.69 -7.97
N LEU A 409 -6.11 4.47 -8.32
CA LEU A 409 -5.51 3.30 -7.68
C LEU A 409 -4.04 3.17 -8.03
N SER A 410 -3.60 3.80 -9.13
CA SER A 410 -2.18 3.79 -9.49
C SER A 410 -1.32 4.55 -8.49
N PHE A 411 -1.92 5.41 -7.67
CA PHE A 411 -1.17 6.08 -6.62
C PHE A 411 -0.61 5.08 -5.61
N THR A 412 -1.34 3.99 -5.37
CA THR A 412 -0.93 3.02 -4.37
C THR A 412 0.37 2.31 -4.74
N TYR A 413 0.57 1.96 -6.00
CA TYR A 413 1.80 1.30 -6.43
C TYR A 413 2.96 2.27 -6.54
N MET A 414 2.76 3.54 -6.20
CA MET A 414 3.84 4.52 -6.14
C MET A 414 4.55 4.54 -4.80
N ASN A 415 3.83 4.28 -3.70
CA ASN A 415 4.48 4.14 -2.40
C ASN A 415 5.43 2.95 -2.35
N SER A 416 5.18 1.91 -3.15
CA SER A 416 6.10 0.79 -3.27
C SER A 416 7.33 1.12 -4.10
N MET A 417 7.34 2.28 -4.75
CA MET A 417 8.50 2.77 -5.50
C MET A 417 9.31 3.81 -4.74
N LEU A 418 8.64 4.72 -4.03
CA LEU A 418 9.33 5.74 -3.27
C LEU A 418 9.85 5.24 -1.93
N ASP A 419 9.41 4.06 -1.48
CA ASP A 419 9.86 3.54 -0.19
C ASP A 419 11.37 3.31 -0.13
N PRO A 420 12.00 2.63 -1.10
CA PRO A 420 13.47 2.49 -1.02
C PRO A 420 14.20 3.82 -1.06
N VAL A 421 13.68 4.80 -1.79
CA VAL A 421 14.33 6.10 -1.88
C VAL A 421 14.29 6.83 -0.54
N VAL A 422 13.15 6.77 0.14
CA VAL A 422 12.96 7.52 1.37
C VAL A 422 13.41 6.74 2.60
N TYR A 423 13.06 5.46 2.68
CA TYR A 423 13.30 4.70 3.90
C TYR A 423 14.73 4.19 4.00
N TYR A 424 15.15 3.36 3.04
CA TYR A 424 16.43 2.67 3.14
C TYR A 424 17.59 3.52 2.63
N PHE A 425 17.53 3.93 1.37
CA PHE A 425 18.68 4.57 0.73
C PHE A 425 19.06 5.88 1.41
N SER A 426 18.06 6.68 1.80
CA SER A 426 18.34 7.97 2.40
C SER A 426 19.10 7.83 3.72
N SER A 427 18.70 6.88 4.56
CA SER A 427 19.37 6.68 5.83
C SER A 427 20.75 6.08 5.59
N PRO A 428 21.75 6.46 6.40
CA PRO A 428 23.11 5.92 6.30
C PRO A 428 23.17 4.41 6.53
C1 P9X B . -6.11 -4.24 -9.96
C2 P9X B . -7.54 -4.41 -9.43
C4 P9X B . -6.14 -4.02 -7.70
C5 P9X B . -5.45 -3.78 -6.41
C6 P9X B . -5.66 -5.53 -10.64
C9 P9X B . -4.84 -7.89 -11.88
O3 P9X B . -4.43 -2.97 -6.49
C10 P9X B . -4.43 -7.61 -10.60
C P9X B . -5.99 -3.01 -10.85
O P9X B . -8.55 -4.65 -10.10
C11 P9X B . -4.84 -6.44 -9.98
C3 P9X B . -7.45 -4.26 -8.00
C7 P9X B . -6.07 -5.83 -11.94
C8 P9X B . -5.66 -7.01 -12.55
O1 P9X B . -5.30 -4.00 -8.77
O2 P9X B . -5.82 -4.31 -5.38
#